data_1QQ7
#
_entry.id   1QQ7
#
_cell.length_a   56.751
_cell.length_b   83.833
_cell.length_c   90.809
_cell.angle_alpha   90.00
_cell.angle_beta   90.00
_cell.angle_gamma   90.00
#
_symmetry.space_group_name_H-M   'P 21 21 21'
#
loop_
_entity.id
_entity.type
_entity.pdbx_description
1 polymer 'PROTEIN (L-2-HALOACID DEHALOGENASE)'
2 non-polymer 'CHLORIDE ION'
3 water water
#
_entity_poly.entity_id   1
_entity_poly.type   'polypeptide(L)'
_entity_poly.pdbx_seq_one_letter_code
;MIKAVVF(ASB)AYGTLFDVQSVADATERAYPGRGEYITQVWRQKQLEYSWLRALMGRYADFWSVTREALAYTLGTLGLE
PDESFLADMAQAYNRLTPYPDAAQCLAELAPLKRAILSNGAPDMLQALVANAGLTDSFDAVISVDAKRVFKPHPDSYALV
EEVLGVTPAEVLFVSSNGFDVGGAKNFGFSVARVARLSQEALARELVSGTIAPLTMFKALRMREETYAEAPDFVVPALGD
LPRLVRGMAGAHLAPAV
;
_entity_poly.pdbx_strand_id   A,B
#
loop_
_chem_comp.id
_chem_comp.type
_chem_comp.name
_chem_comp.formula
CL non-polymer 'CHLORIDE ION' 'Cl -1'
#
# COMPACT_ATOMS: atom_id res chain seq x y z
N MET A 1 26.32 -22.86 -0.17
CA MET A 1 25.29 -23.87 0.18
C MET A 1 24.28 -23.30 1.18
N ILE A 2 23.02 -23.70 1.02
CA ILE A 2 21.95 -23.26 1.92
C ILE A 2 22.18 -23.85 3.31
N LYS A 3 22.33 -22.98 4.30
CA LYS A 3 22.56 -23.40 5.67
C LYS A 3 21.36 -23.08 6.57
N ALA A 4 20.50 -22.19 6.10
CA ALA A 4 19.33 -21.79 6.88
C ALA A 4 18.13 -21.48 5.98
N VAL A 5 16.94 -21.81 6.47
CA VAL A 5 15.69 -21.50 5.80
C VAL A 5 14.93 -20.52 6.69
N VAL A 6 14.76 -19.29 6.23
CA VAL A 6 14.14 -18.26 7.03
C VAL A 6 12.76 -17.96 6.48
N PHE A 7 11.75 -18.04 7.35
CA PHE A 7 10.36 -17.89 6.93
C PHE A 7 9.73 -16.57 7.30
N ASB A 8 9.07 -15.98 6.31
CA ASB A 8 8.10 -14.93 6.55
C ASB A 8 7.00 -15.55 7.44
O ASB A 8 6.74 -16.76 7.35
CB ASB A 8 7.53 -14.49 5.18
CG ASB A 8 6.40 -13.58 5.28
OD1 ASB A 8 6.60 -12.54 6.04
OD2 ASB A 8 5.28 -13.57 4.80
C2 ASB A 8 5.73 -11.38 6.43
C1 ASB A 8 6.14 -11.03 7.87
O1 ASB A 8 5.61 -11.70 8.79
O2 ASB A 8 6.97 -10.11 8.00
N ALA A 9 6.36 -14.75 8.28
CA ALA A 9 5.32 -15.28 9.17
C ALA A 9 3.91 -15.09 8.61
N TYR A 10 3.45 -13.84 8.58
CA TYR A 10 2.05 -13.55 8.23
C TYR A 10 1.76 -13.77 6.76
N GLY A 11 0.88 -14.73 6.48
CA GLY A 11 0.55 -15.04 5.10
C GLY A 11 1.38 -16.19 4.53
N THR A 12 2.49 -16.53 5.20
CA THR A 12 3.36 -17.57 4.71
C THR A 12 3.25 -18.84 5.55
N LEU A 13 3.59 -18.73 6.83
CA LEU A 13 3.43 -19.83 7.78
C LEU A 13 2.05 -19.78 8.40
N PHE A 14 1.50 -18.57 8.51
CA PHE A 14 0.23 -18.34 9.20
C PHE A 14 -0.81 -17.69 8.29
N ASP A 15 -2.04 -18.21 8.37
CA ASP A 15 -3.14 -17.78 7.50
C ASP A 15 -3.84 -16.55 8.06
N VAL A 16 -3.68 -15.41 7.40
CA VAL A 16 -4.28 -14.17 7.89
C VAL A 16 -5.80 -14.13 7.70
N GLN A 17 -6.31 -15.07 6.91
CA GLN A 17 -7.75 -15.20 6.73
C GLN A 17 -8.40 -15.83 7.97
N SER A 18 -7.59 -16.44 8.84
CA SER A 18 -8.13 -17.18 9.97
C SER A 18 -8.63 -16.30 11.12
N VAL A 19 -8.64 -14.98 10.94
CA VAL A 19 -9.26 -14.09 11.91
C VAL A 19 -10.77 -13.98 11.59
N ALA A 20 -11.22 -14.80 10.64
CA ALA A 20 -12.57 -14.75 10.11
C ALA A 20 -13.70 -14.73 11.14
N ASP A 21 -13.66 -15.63 12.11
CA ASP A 21 -14.75 -15.71 13.07
C ASP A 21 -14.72 -14.60 14.12
N ALA A 22 -13.53 -14.07 14.40
CA ALA A 22 -13.42 -12.93 15.31
C ALA A 22 -13.99 -11.66 14.67
N THR A 23 -13.68 -11.44 13.39
CA THR A 23 -14.16 -10.27 12.67
C THR A 23 -15.66 -10.34 12.39
N GLU A 24 -16.17 -11.55 12.14
CA GLU A 24 -17.59 -11.75 11.89
C GLU A 24 -18.40 -11.40 13.14
N ARG A 25 -17.77 -11.45 14.30
CA ARG A 25 -18.44 -11.05 15.54
C ARG A 25 -18.40 -9.52 15.69
N ALA A 26 -17.28 -8.92 15.29
CA ALA A 26 -17.13 -7.47 15.37
C ALA A 26 -18.19 -6.77 14.51
N TYR A 27 -18.68 -7.46 13.49
CA TYR A 27 -19.73 -6.91 12.64
C TYR A 27 -20.33 -8.04 11.80
N PRO A 28 -21.37 -8.71 12.32
CA PRO A 28 -22.00 -9.81 11.56
C PRO A 28 -22.37 -9.37 10.15
N GLY A 29 -22.06 -10.21 9.18
CA GLY A 29 -22.33 -9.90 7.80
C GLY A 29 -21.16 -9.24 7.10
N ARG A 30 -20.16 -8.81 7.86
CA ARG A 30 -19.02 -8.09 7.30
C ARG A 30 -17.66 -8.65 7.69
N GLY A 31 -17.63 -9.89 8.16
CA GLY A 31 -16.38 -10.51 8.51
C GLY A 31 -15.37 -10.56 7.38
N GLU A 32 -15.81 -10.95 6.18
CA GLU A 32 -14.91 -11.05 5.03
C GLU A 32 -14.27 -9.69 4.72
N TYR A 33 -15.11 -8.66 4.68
CA TYR A 33 -14.63 -7.31 4.40
C TYR A 33 -13.56 -6.86 5.39
N ILE A 34 -13.85 -7.00 6.70
CA ILE A 34 -12.93 -6.58 7.74
C ILE A 34 -11.61 -7.35 7.64
N THR A 35 -11.70 -8.66 7.48
CA THR A 35 -10.50 -9.49 7.34
C THR A 35 -9.55 -8.94 6.27
N GLN A 36 -10.10 -8.56 5.12
CA GLN A 36 -9.28 -8.13 3.99
C GLN A 36 -8.69 -6.74 4.19
N VAL A 37 -9.52 -5.78 4.57
CA VAL A 37 -9.07 -4.40 4.77
C VAL A 37 -8.12 -4.29 5.95
N TRP A 38 -8.37 -5.10 6.99
CA TRP A 38 -7.51 -5.11 8.15
C TRP A 38 -6.09 -5.49 7.72
N ARG A 39 -5.96 -6.57 6.96
CA ARG A 39 -4.65 -7.04 6.50
C ARG A 39 -3.99 -6.02 5.58
N GLN A 40 -4.77 -5.48 4.64
CA GLN A 40 -4.25 -4.49 3.69
C GLN A 40 -3.71 -3.25 4.40
N LYS A 41 -4.52 -2.69 5.30
CA LYS A 41 -4.13 -1.48 6.03
C LYS A 41 -3.01 -1.75 7.03
N GLN A 42 -2.97 -2.95 7.58
CA GLN A 42 -1.88 -3.37 8.46
C GLN A 42 -0.56 -3.27 7.69
N LEU A 43 -0.54 -3.82 6.49
CA LEU A 43 0.64 -3.73 5.62
C LEU A 43 0.96 -2.27 5.25
N GLU A 44 -0.02 -1.54 4.75
CA GLU A 44 0.19 -0.14 4.39
C GLU A 44 0.79 0.67 5.54
N TYR A 45 0.26 0.47 6.75
CA TYR A 45 0.72 1.24 7.90
C TYR A 45 2.16 0.91 8.30
N SER A 46 2.56 -0.35 8.10
CA SER A 46 3.94 -0.73 8.37
C SER A 46 4.88 -0.01 7.41
N TRP A 47 4.49 0.07 6.13
CA TRP A 47 5.30 0.75 5.13
C TRP A 47 5.36 2.25 5.40
N LEU A 48 4.19 2.84 5.67
CA LEU A 48 4.07 4.29 5.81
C LEU A 48 4.71 4.82 7.09
N ARG A 49 4.53 4.14 8.21
CA ARG A 49 5.22 4.55 9.44
C ARG A 49 6.74 4.50 9.26
N ALA A 50 7.23 3.43 8.65
CA ALA A 50 8.67 3.26 8.44
C ALA A 50 9.21 4.34 7.51
N LEU A 51 8.53 4.52 6.37
CA LEU A 51 8.99 5.46 5.35
C LEU A 51 8.96 6.89 5.87
N MET A 52 8.00 7.17 6.76
CA MET A 52 7.85 8.49 7.34
C MET A 52 8.87 8.72 8.45
N GLY A 53 9.53 7.65 8.88
CA GLY A 53 10.47 7.75 9.99
C GLY A 53 9.76 7.83 11.32
N ARG A 54 8.58 7.21 11.41
CA ARG A 54 7.79 7.21 12.64
C ARG A 54 7.43 5.78 13.02
N TYR A 55 8.42 4.98 13.32
CA TYR A 55 8.19 3.59 13.67
C TYR A 55 7.39 3.42 14.96
N ALA A 56 6.51 2.43 14.94
CA ALA A 56 5.80 1.92 16.11
C ALA A 56 5.71 0.42 15.82
N ASP A 57 5.77 -0.44 16.84
CA ASP A 57 5.83 -1.86 16.55
C ASP A 57 4.55 -2.40 15.94
N PHE A 58 4.60 -3.65 15.48
CA PHE A 58 3.51 -4.24 14.72
C PHE A 58 2.24 -4.39 15.54
N TRP A 59 2.37 -4.37 16.86
CA TRP A 59 1.19 -4.46 17.71
C TRP A 59 0.40 -3.14 17.62
N SER A 60 1.12 -2.01 17.62
CA SER A 60 0.46 -0.73 17.40
C SER A 60 -0.12 -0.66 15.99
N VAL A 61 0.70 -1.04 15.00
CA VAL A 61 0.25 -1.05 13.61
C VAL A 61 -1.01 -1.89 13.42
N THR A 62 -1.01 -3.08 14.01
CA THR A 62 -2.16 -3.98 13.91
C THR A 62 -3.44 -3.37 14.50
N ARG A 63 -3.32 -2.70 15.65
CA ARG A 63 -4.46 -2.06 16.28
C ARG A 63 -4.93 -0.82 15.51
N GLU A 64 -3.98 -0.05 14.99
CA GLU A 64 -4.34 1.12 14.20
C GLU A 64 -5.08 0.70 12.93
N ALA A 65 -4.62 -0.37 12.30
CA ALA A 65 -5.26 -0.86 11.08
C ALA A 65 -6.65 -1.40 11.36
N LEU A 66 -6.83 -2.06 12.51
CA LEU A 66 -8.15 -2.55 12.91
C LEU A 66 -9.09 -1.37 13.18
N ALA A 67 -8.58 -0.34 13.86
CA ALA A 67 -9.37 0.85 14.16
C ALA A 67 -9.84 1.51 12.86
N TYR A 68 -8.94 1.64 11.89
CA TYR A 68 -9.29 2.19 10.59
C TYR A 68 -10.38 1.36 9.92
N THR A 69 -10.18 0.06 9.87
CA THR A 69 -11.11 -0.85 9.21
C THR A 69 -12.52 -0.78 9.78
N LEU A 70 -12.63 -0.85 11.11
CA LEU A 70 -13.92 -0.77 11.77
C LEU A 70 -14.49 0.64 11.61
N GLY A 71 -13.61 1.63 11.57
CA GLY A 71 -14.06 3.00 11.33
C GLY A 71 -14.78 3.16 10.01
N THR A 72 -14.33 2.47 8.96
CA THR A 72 -14.97 2.60 7.65
C THR A 72 -16.42 2.17 7.71
N LEU A 73 -16.73 1.26 8.63
CA LEU A 73 -18.08 0.73 8.82
C LEU A 73 -18.92 1.62 9.73
N GLY A 74 -18.31 2.68 10.24
CA GLY A 74 -19.02 3.62 11.09
C GLY A 74 -18.87 3.34 12.58
N LEU A 75 -18.02 2.39 12.92
CA LEU A 75 -17.79 2.04 14.32
C LEU A 75 -16.71 2.93 14.95
N GLU A 76 -16.72 3.03 16.27
CA GLU A 76 -15.73 3.79 17.01
C GLU A 76 -15.28 3.00 18.25
N PRO A 77 -14.63 1.84 18.05
CA PRO A 77 -14.19 1.01 19.18
C PRO A 77 -13.13 1.69 20.06
N ASP A 78 -13.19 1.47 21.37
CA ASP A 78 -12.18 2.01 22.27
C ASP A 78 -10.93 1.12 22.31
N GLU A 79 -9.87 1.63 22.92
CA GLU A 79 -8.60 0.92 22.97
C GLU A 79 -8.75 -0.48 23.55
N SER A 80 -9.55 -0.59 24.60
CA SER A 80 -9.80 -1.89 25.23
C SER A 80 -10.36 -2.89 24.24
N PHE A 81 -11.36 -2.47 23.46
CA PHE A 81 -11.97 -3.34 22.45
C PHE A 81 -10.97 -3.70 21.37
N LEU A 82 -10.17 -2.73 20.94
CA LEU A 82 -9.18 -2.94 19.89
C LEU A 82 -8.09 -3.90 20.33
N ALA A 83 -7.54 -3.68 21.52
CA ALA A 83 -6.48 -4.54 22.04
C ALA A 83 -6.98 -5.97 22.17
N ASP A 84 -8.24 -6.10 22.56
CA ASP A 84 -8.88 -7.40 22.74
C ASP A 84 -9.00 -8.14 21.40
N MET A 85 -9.68 -7.52 20.44
CA MET A 85 -9.92 -8.14 19.15
C MET A 85 -8.65 -8.36 18.34
N ALA A 86 -7.69 -7.43 18.44
CA ALA A 86 -6.45 -7.55 17.68
C ALA A 86 -5.66 -8.78 18.09
N GLN A 87 -6.00 -9.35 19.25
CA GLN A 87 -5.36 -10.59 19.70
C GLN A 87 -5.58 -11.73 18.71
N ALA A 88 -6.60 -11.59 17.87
CA ALA A 88 -6.86 -12.60 16.85
C ALA A 88 -5.62 -12.82 15.98
N TYR A 89 -4.80 -11.79 15.83
CA TYR A 89 -3.59 -11.93 15.03
C TYR A 89 -2.47 -12.71 15.71
N ASN A 90 -2.62 -12.96 17.01
CA ASN A 90 -1.66 -13.79 17.73
C ASN A 90 -2.17 -15.22 17.87
N ARG A 91 -3.27 -15.51 17.18
CA ARG A 91 -3.88 -16.84 17.19
C ARG A 91 -4.03 -17.40 15.77
N LEU A 92 -3.42 -16.77 14.78
CA LEU A 92 -3.58 -17.21 13.40
C LEU A 92 -3.25 -18.69 13.27
N THR A 93 -4.06 -19.41 12.51
CA THR A 93 -3.84 -20.84 12.32
C THR A 93 -2.68 -21.06 11.36
N PRO A 94 -1.75 -21.96 11.72
CA PRO A 94 -0.66 -22.23 10.78
C PRO A 94 -1.23 -22.99 9.58
N TYR A 95 -0.63 -22.82 8.41
CA TYR A 95 -1.04 -23.63 7.28
C TYR A 95 -0.81 -25.09 7.63
N PRO A 96 -1.78 -25.95 7.27
CA PRO A 96 -1.75 -27.37 7.61
C PRO A 96 -0.45 -28.14 7.33
N ASP A 97 0.33 -27.71 6.35
CA ASP A 97 1.57 -28.41 6.04
C ASP A 97 2.83 -27.74 6.59
N ALA A 98 2.66 -26.72 7.43
CA ALA A 98 3.79 -26.02 8.01
C ALA A 98 4.63 -26.92 8.90
N ALA A 99 3.99 -27.55 9.88
CA ALA A 99 4.68 -28.40 10.84
C ALA A 99 5.55 -29.45 10.15
N GLN A 100 4.96 -30.17 9.21
CA GLN A 100 5.67 -31.22 8.49
C GLN A 100 6.85 -30.64 7.71
N CYS A 101 6.61 -29.49 7.06
CA CYS A 101 7.67 -28.81 6.33
C CYS A 101 8.85 -28.56 7.24
N LEU A 102 8.59 -27.89 8.36
CA LEU A 102 9.65 -27.52 9.30
C LEU A 102 10.39 -28.74 9.84
N ALA A 103 9.64 -29.81 10.11
CA ALA A 103 10.24 -31.03 10.63
C ALA A 103 11.24 -31.63 9.64
N GLU A 104 10.86 -31.66 8.36
CA GLU A 104 11.71 -32.25 7.33
C GLU A 104 12.89 -31.34 6.97
N LEU A 105 12.79 -30.06 7.32
CA LEU A 105 13.86 -29.11 7.04
C LEU A 105 15.02 -29.19 8.03
N ALA A 106 14.77 -29.75 9.21
CA ALA A 106 15.87 -30.05 10.13
C ALA A 106 16.83 -30.99 9.40
N PRO A 107 18.13 -30.96 9.74
CA PRO A 107 18.78 -30.14 10.76
C PRO A 107 19.17 -28.72 10.32
N LEU A 108 18.88 -28.36 9.07
CA LEU A 108 19.15 -27.00 8.59
C LEU A 108 18.68 -26.01 9.63
N LYS A 109 19.33 -24.85 9.72
CA LYS A 109 18.85 -23.83 10.62
C LYS A 109 17.48 -23.36 10.12
N ARG A 110 16.55 -23.15 11.05
CA ARG A 110 15.20 -22.74 10.70
C ARG A 110 14.83 -21.52 11.52
N ALA A 111 14.32 -20.49 10.87
CA ALA A 111 13.95 -19.28 11.58
C ALA A 111 12.79 -18.55 10.91
N ILE A 112 12.20 -17.64 11.67
CA ILE A 112 11.21 -16.72 11.14
C ILE A 112 11.85 -15.33 11.14
N LEU A 113 11.62 -14.58 10.07
CA LEU A 113 11.92 -13.14 10.07
C LEU A 113 10.60 -12.45 9.77
N SER A 114 10.10 -11.66 10.71
CA SER A 114 8.76 -11.10 10.55
C SER A 114 8.64 -9.66 11.05
N ASN A 115 7.71 -8.93 10.43
CA ASN A 115 7.34 -7.59 10.89
C ASN A 115 6.77 -7.64 12.31
N GLY A 116 6.20 -8.78 12.68
CA GLY A 116 5.58 -8.91 13.99
C GLY A 116 6.47 -8.50 15.15
N ALA A 117 5.88 -7.87 16.17
CA ALA A 117 6.62 -7.48 17.36
C ALA A 117 7.01 -8.75 18.12
N PRO A 118 8.07 -8.66 18.95
CA PRO A 118 8.54 -9.83 19.71
C PRO A 118 7.45 -10.63 20.42
N ASP A 119 6.64 -9.96 21.24
CA ASP A 119 5.60 -10.65 22.00
C ASP A 119 4.53 -11.28 21.09
N MET A 120 4.26 -10.63 19.97
CA MET A 120 3.31 -11.16 19.00
C MET A 120 3.80 -12.48 18.44
N LEU A 121 5.03 -12.48 17.93
CA LEU A 121 5.59 -13.66 17.29
C LEU A 121 5.71 -14.84 18.26
N GLN A 122 6.10 -14.56 19.50
CA GLN A 122 6.24 -15.62 20.48
C GLN A 122 4.90 -16.28 20.77
N ALA A 123 3.88 -15.46 21.01
CA ALA A 123 2.53 -15.97 21.26
C ALA A 123 1.97 -16.72 20.05
N LEU A 124 2.17 -16.16 18.86
CA LEU A 124 1.70 -16.77 17.61
C LEU A 124 2.34 -18.14 17.40
N VAL A 125 3.65 -18.21 17.63
CA VAL A 125 4.39 -19.45 17.46
C VAL A 125 3.99 -20.46 18.53
N ALA A 126 3.83 -19.99 19.77
CA ALA A 126 3.42 -20.84 20.88
C ALA A 126 2.04 -21.45 20.65
N ASN A 127 1.07 -20.61 20.29
CA ASN A 127 -0.29 -21.07 20.05
C ASN A 127 -0.34 -22.17 18.98
N ALA A 128 0.57 -22.09 18.01
CA ALA A 128 0.59 -23.05 16.91
C ALA A 128 1.41 -24.30 17.24
N GLY A 129 2.01 -24.30 18.43
CA GLY A 129 2.84 -25.43 18.83
C GLY A 129 4.07 -25.61 17.97
N LEU A 130 4.64 -24.51 17.48
CA LEU A 130 5.81 -24.60 16.61
C LEU A 130 7.09 -24.07 17.26
N THR A 131 7.04 -23.82 18.56
CA THR A 131 8.18 -23.22 19.26
C THR A 131 9.51 -23.95 19.04
N ASP A 132 9.48 -25.28 19.06
CA ASP A 132 10.69 -26.07 18.95
C ASP A 132 11.04 -26.41 17.50
N SER A 133 10.39 -25.73 16.56
CA SER A 133 10.69 -25.92 15.15
C SER A 133 11.60 -24.82 14.62
N PHE A 134 11.96 -23.87 15.49
CA PHE A 134 12.77 -22.72 15.08
C PHE A 134 13.98 -22.49 15.99
N ASP A 135 15.12 -22.24 15.35
CA ASP A 135 16.35 -21.88 16.05
C ASP A 135 16.28 -20.43 16.50
N ALA A 136 15.49 -19.65 15.77
CA ALA A 136 15.30 -18.25 16.11
C ALA A 136 14.01 -17.71 15.51
N VAL A 137 13.34 -16.85 16.27
CA VAL A 137 12.18 -16.12 15.78
C VAL A 137 12.54 -14.63 15.84
N ILE A 138 12.83 -14.05 14.67
CA ILE A 138 13.40 -12.72 14.58
C ILE A 138 12.36 -11.64 14.22
N SER A 139 12.20 -10.65 15.10
CA SER A 139 11.33 -9.52 14.84
C SER A 139 12.15 -8.35 14.30
N VAL A 140 11.53 -7.53 13.45
CA VAL A 140 12.21 -6.36 12.91
C VAL A 140 12.35 -5.27 13.97
N ASP A 141 11.66 -5.44 15.10
CA ASP A 141 11.57 -4.41 16.12
C ASP A 141 12.94 -3.85 16.54
N ALA A 142 13.95 -4.71 16.66
CA ALA A 142 15.28 -4.26 17.05
C ALA A 142 15.79 -3.14 16.14
N LYS A 143 15.43 -3.20 14.85
CA LYS A 143 15.90 -2.22 13.88
C LYS A 143 14.97 -1.01 13.77
N ARG A 144 13.78 -1.12 14.35
CA ARG A 144 12.77 -0.06 14.28
C ARG A 144 12.50 0.35 12.83
N VAL A 145 12.36 -0.65 11.97
CA VAL A 145 11.92 -0.46 10.60
C VAL A 145 10.97 -1.62 10.29
N PHE A 146 10.30 -1.56 9.15
CA PHE A 146 9.50 -2.69 8.68
C PHE A 146 10.00 -3.11 7.31
N LYS A 147 9.70 -4.34 6.92
CA LYS A 147 10.02 -4.78 5.56
C LYS A 147 9.35 -3.81 4.59
N PRO A 148 9.91 -3.65 3.38
CA PRO A 148 11.11 -4.31 2.85
C PRO A 148 12.41 -3.53 3.10
N HIS A 149 12.43 -2.71 4.14
CA HIS A 149 13.64 -1.97 4.50
C HIS A 149 14.80 -2.98 4.68
N PRO A 150 15.95 -2.72 4.05
CA PRO A 150 17.09 -3.65 4.15
C PRO A 150 17.56 -4.02 5.56
N ASP A 151 17.40 -3.12 6.53
CA ASP A 151 17.79 -3.39 7.92
C ASP A 151 17.03 -4.57 8.51
N SER A 152 15.80 -4.79 8.04
CA SER A 152 15.00 -5.90 8.52
C SER A 152 15.68 -7.23 8.17
N TYR A 153 16.21 -7.32 6.96
CA TYR A 153 16.85 -8.55 6.48
C TYR A 153 18.27 -8.71 7.02
N ALA A 154 18.89 -7.58 7.36
CA ALA A 154 20.23 -7.57 7.95
C ALA A 154 20.26 -8.35 9.27
N LEU A 155 19.09 -8.44 9.91
CA LEU A 155 18.97 -9.13 11.19
C LEU A 155 19.29 -10.61 11.10
N VAL A 156 19.07 -11.21 9.93
CA VAL A 156 19.25 -12.64 9.78
C VAL A 156 20.70 -13.04 10.05
N GLU A 157 21.65 -12.32 9.48
CA GLU A 157 23.05 -12.66 9.71
C GLU A 157 23.44 -12.34 11.14
N GLU A 158 22.94 -11.22 11.66
CA GLU A 158 23.21 -10.83 13.04
C GLU A 158 22.80 -11.92 14.03
N VAL A 159 21.67 -12.57 13.78
CA VAL A 159 21.14 -13.54 14.71
C VAL A 159 21.63 -14.97 14.44
N LEU A 160 21.74 -15.32 13.17
CA LEU A 160 22.07 -16.70 12.78
C LEU A 160 23.52 -16.90 12.36
N GLY A 161 24.25 -15.82 12.14
CA GLY A 161 25.64 -15.96 11.74
C GLY A 161 25.84 -16.64 10.40
N VAL A 162 24.84 -16.57 9.52
CA VAL A 162 24.96 -17.08 8.16
C VAL A 162 24.90 -15.89 7.19
N THR A 163 25.59 -16.00 6.05
CA THR A 163 25.59 -14.91 5.08
C THR A 163 24.33 -14.98 4.22
N PRO A 164 23.95 -13.88 3.57
CA PRO A 164 22.75 -13.88 2.74
C PRO A 164 22.77 -15.01 1.70
N ALA A 165 23.96 -15.34 1.23
CA ALA A 165 24.15 -16.40 0.22
C ALA A 165 23.80 -17.79 0.75
N GLU A 166 23.81 -17.94 2.07
CA GLU A 166 23.55 -19.25 2.68
C GLU A 166 22.13 -19.35 3.20
N VAL A 167 21.30 -18.36 2.84
CA VAL A 167 19.93 -18.33 3.30
C VAL A 167 18.93 -18.58 2.17
N LEU A 168 17.99 -19.52 2.40
CA LEU A 168 16.82 -19.63 1.54
C LEU A 168 15.67 -18.93 2.25
N PHE A 169 15.25 -17.78 1.72
CA PHE A 169 14.16 -17.01 2.31
C PHE A 169 12.84 -17.45 1.68
N VAL A 170 11.83 -17.66 2.52
CA VAL A 170 10.54 -18.16 2.07
C VAL A 170 9.42 -17.18 2.37
N SER A 171 8.66 -16.79 1.35
CA SER A 171 7.56 -15.86 1.57
C SER A 171 6.49 -15.96 0.50
N SER A 172 5.25 -15.75 0.92
CA SER A 172 4.10 -15.69 0.01
C SER A 172 3.79 -14.25 -0.38
N ASN A 173 4.44 -13.28 0.26
CA ASN A 173 4.18 -11.87 0.01
C ASN A 173 5.16 -11.27 -0.99
N GLY A 174 4.63 -10.80 -2.11
CA GLY A 174 5.45 -10.25 -3.16
C GLY A 174 6.42 -9.18 -2.72
N PHE A 175 5.97 -8.24 -1.88
CA PHE A 175 6.86 -7.15 -1.43
C PHE A 175 8.01 -7.68 -0.57
N ASP A 176 7.76 -8.79 0.13
CA ASP A 176 8.76 -9.42 0.99
C ASP A 176 9.74 -10.23 0.13
N VAL A 177 9.22 -10.92 -0.87
CA VAL A 177 10.06 -11.58 -1.86
C VAL A 177 11.01 -10.55 -2.49
N GLY A 178 10.47 -9.39 -2.85
CA GLY A 178 11.28 -8.33 -3.41
C GLY A 178 12.34 -7.80 -2.46
N GLY A 179 11.97 -7.58 -1.21
CA GLY A 179 12.91 -7.06 -0.24
C GLY A 179 14.04 -8.02 0.07
N ALA A 180 13.71 -9.30 0.15
CA ALA A 180 14.70 -10.34 0.42
C ALA A 180 15.66 -10.52 -0.75
N LYS A 181 15.13 -10.47 -1.99
CA LYS A 181 15.99 -10.56 -3.17
C LYS A 181 16.91 -9.34 -3.24
N ASN A 182 16.34 -8.18 -2.95
CA ASN A 182 17.09 -6.93 -2.94
C ASN A 182 18.27 -7.01 -1.99
N PHE A 183 18.05 -7.67 -0.86
CA PHE A 183 19.09 -7.75 0.18
C PHE A 183 20.16 -8.76 -0.19
N GLY A 184 19.79 -9.82 -0.92
CA GLY A 184 20.78 -10.78 -1.36
C GLY A 184 20.49 -12.24 -1.06
N PHE A 185 19.33 -12.52 -0.45
CA PHE A 185 18.96 -13.91 -0.15
C PHE A 185 18.53 -14.63 -1.42
N SER A 186 18.64 -15.96 -1.41
CA SER A 186 17.96 -16.77 -2.41
C SER A 186 16.53 -16.85 -1.88
N VAL A 187 15.55 -16.82 -2.78
CA VAL A 187 14.16 -16.75 -2.33
C VAL A 187 13.28 -17.81 -2.97
N ALA A 188 12.48 -18.48 -2.13
CA ALA A 188 11.45 -19.38 -2.61
C ALA A 188 10.11 -18.73 -2.30
N ARG A 189 9.39 -18.36 -3.36
CA ARG A 189 8.07 -17.77 -3.19
C ARG A 189 7.01 -18.87 -3.09
N VAL A 190 6.11 -18.74 -2.12
CA VAL A 190 4.98 -19.65 -2.02
C VAL A 190 3.78 -18.98 -2.72
N ALA A 191 3.34 -19.56 -3.82
CA ALA A 191 2.28 -18.97 -4.65
C ALA A 191 1.02 -19.83 -4.61
N ARG A 192 0.07 -19.43 -3.77
CA ARG A 192 -1.14 -20.24 -3.56
C ARG A 192 -2.28 -19.92 -4.51
N LEU A 193 -2.17 -18.80 -5.23
CA LEU A 193 -3.18 -18.43 -6.21
C LEU A 193 -2.61 -18.48 -7.62
N SER A 194 -3.10 -19.41 -8.42
CA SER A 194 -2.65 -19.54 -9.80
C SER A 194 -3.06 -18.29 -10.57
N GLN A 195 -2.12 -17.72 -11.33
CA GLN A 195 -2.42 -16.52 -12.11
C GLN A 195 -3.63 -16.69 -13.01
N GLU A 196 -3.71 -17.85 -13.67
CA GLU A 196 -4.77 -18.10 -14.64
C GLU A 196 -6.15 -18.12 -13.98
N ALA A 197 -6.21 -18.61 -12.74
CA ALA A 197 -7.46 -18.61 -12.00
C ALA A 197 -7.94 -17.18 -11.68
N LEU A 198 -7.01 -16.34 -11.22
CA LEU A 198 -7.32 -14.95 -10.93
C LEU A 198 -7.79 -14.22 -12.19
N ALA A 199 -7.07 -14.40 -13.28
CA ALA A 199 -7.41 -13.75 -14.54
C ALA A 199 -8.86 -14.02 -14.91
N ARG A 200 -9.26 -15.29 -14.85
CA ARG A 200 -10.62 -15.66 -15.22
C ARG A 200 -11.63 -15.17 -14.18
N GLU A 201 -11.20 -15.14 -12.92
CA GLU A 201 -12.06 -14.66 -11.83
C GLU A 201 -12.41 -13.19 -12.01
N LEU A 202 -11.44 -12.41 -12.47
CA LEU A 202 -11.63 -10.98 -12.65
C LEU A 202 -12.48 -10.67 -13.89
N VAL A 203 -12.72 -11.70 -14.70
CA VAL A 203 -13.54 -11.54 -15.90
C VAL A 203 -14.95 -12.04 -15.69
N SER A 204 -15.14 -12.86 -14.66
CA SER A 204 -16.44 -13.48 -14.39
C SER A 204 -17.43 -12.51 -13.74
N GLY A 205 -18.02 -11.64 -14.55
CA GLY A 205 -18.98 -10.68 -14.04
C GLY A 205 -18.48 -9.94 -12.81
N THR A 206 -19.40 -9.53 -11.95
CA THR A 206 -19.07 -8.74 -10.76
C THR A 206 -17.89 -9.32 -9.98
N ILE A 207 -17.00 -8.43 -9.53
CA ILE A 207 -15.79 -8.81 -8.79
C ILE A 207 -15.97 -8.69 -7.27
N ALA A 208 -15.81 -9.81 -6.57
N ALA A 208 -15.97 -9.85 -6.61
CA ALA A 208 -15.98 -9.85 -5.11
CA ALA A 208 -16.21 -9.90 -5.18
C ALA A 208 -14.82 -9.21 -4.32
C ALA A 208 -15.19 -9.05 -4.46
N PRO A 209 -15.01 -9.02 -2.99
N PRO A 209 -15.58 -8.44 -3.34
CA PRO A 209 -14.02 -8.43 -2.07
CA PRO A 209 -14.61 -7.64 -2.59
C PRO A 209 -12.73 -9.23 -1.85
C PRO A 209 -13.35 -8.48 -2.40
N LEU A 210 -12.86 -10.51 -1.47
N LEU A 210 -13.56 -9.79 -2.30
CA LEU A 210 -11.69 -11.37 -1.32
CA LEU A 210 -12.47 -10.73 -2.07
C LEU A 210 -10.89 -11.40 -2.62
C LEU A 210 -11.50 -10.82 -3.25
N THR A 211 -11.61 -11.27 -3.74
N THR A 211 -12.04 -10.85 -4.47
CA THR A 211 -10.99 -11.24 -5.05
CA THR A 211 -11.18 -10.95 -5.65
C THR A 211 -10.17 -9.96 -5.19
C THR A 211 -10.25 -9.75 -5.75
N MET A 212 -10.68 -8.88 -4.59
N MET A 212 -10.73 -8.60 -5.27
CA MET A 212 -9.97 -7.61 -4.60
CA MET A 212 -9.93 -7.38 -5.28
C MET A 212 -8.66 -7.73 -3.82
C MET A 212 -8.64 -7.55 -4.47
N PHE A 213 -8.75 -8.34 -2.64
N PHE A 213 -8.76 -8.07 -3.26
CA PHE A 213 -7.56 -8.57 -1.82
CA PHE A 213 -7.62 -8.23 -2.37
C PHE A 213 -6.59 -9.45 -2.60
C PHE A 213 -6.63 -9.29 -2.84
N LYS A 214 -7.13 -10.40 -3.34
CA LYS A 214 -6.28 -11.36 -4.04
C LYS A 214 -5.52 -10.64 -5.15
N ALA A 215 -6.23 -9.80 -5.89
CA ALA A 215 -5.63 -9.05 -6.99
C ALA A 215 -4.51 -8.13 -6.51
N LEU A 216 -4.65 -7.62 -5.28
CA LEU A 216 -3.70 -6.66 -4.75
C LEU A 216 -2.51 -7.29 -4.03
N ARG A 217 -2.67 -8.53 -3.59
CA ARG A 217 -1.73 -9.10 -2.62
C ARG A 217 -1.10 -10.45 -2.95
N MET A 218 -1.63 -11.17 -3.94
CA MET A 218 -1.20 -12.56 -4.17
C MET A 218 -0.34 -12.78 -5.41
N ARG A 219 0.20 -11.71 -5.97
CA ARG A 219 1.02 -11.77 -7.19
C ARG A 219 2.46 -11.36 -6.91
N GLU A 220 3.34 -11.65 -7.87
CA GLU A 220 4.67 -11.09 -7.86
C GLU A 220 4.52 -9.61 -8.21
N GLU A 221 5.29 -8.74 -7.54
CA GLU A 221 5.21 -7.31 -7.81
C GLU A 221 6.17 -6.95 -8.95
N THR A 222 5.72 -6.10 -9.87
CA THR A 222 6.46 -5.83 -11.09
C THR A 222 7.79 -5.10 -10.88
N TYR A 223 7.91 -4.36 -9.78
CA TYR A 223 9.14 -3.63 -9.48
C TYR A 223 10.20 -4.53 -8.85
N ALA A 224 9.79 -5.72 -8.40
CA ALA A 224 10.67 -6.56 -7.60
C ALA A 224 11.47 -7.52 -8.45
N GLU A 225 12.63 -7.94 -7.93
CA GLU A 225 13.38 -9.01 -8.56
C GLU A 225 12.59 -10.30 -8.39
N ALA A 226 12.64 -11.14 -9.42
CA ALA A 226 11.94 -12.42 -9.42
C ALA A 226 12.51 -13.36 -8.38
N PRO A 227 11.66 -14.20 -7.75
CA PRO A 227 12.18 -15.15 -6.77
C PRO A 227 12.97 -16.24 -7.52
N ASP A 228 13.92 -16.86 -6.85
CA ASP A 228 14.69 -17.93 -7.46
C ASP A 228 13.79 -19.12 -7.75
N PHE A 229 12.89 -19.41 -6.83
CA PHE A 229 12.00 -20.56 -6.93
C PHE A 229 10.57 -20.17 -6.61
N VAL A 230 9.62 -20.87 -7.21
CA VAL A 230 8.22 -20.73 -6.83
C VAL A 230 7.63 -22.13 -6.60
N VAL A 231 7.01 -22.31 -5.44
CA VAL A 231 6.32 -23.56 -5.13
C VAL A 231 4.88 -23.28 -4.70
N PRO A 232 3.99 -24.26 -4.88
CA PRO A 232 2.58 -24.12 -4.53
C PRO A 232 2.25 -24.19 -3.04
N ALA A 233 3.16 -24.78 -2.25
CA ALA A 233 2.92 -24.95 -0.82
C ALA A 233 4.21 -25.13 -0.01
N LEU A 234 4.12 -24.92 1.30
CA LEU A 234 5.26 -25.07 2.20
C LEU A 234 5.83 -26.50 2.18
N GLY A 235 4.94 -27.49 2.03
CA GLY A 235 5.37 -28.88 2.06
C GLY A 235 6.33 -29.24 0.95
N ASP A 236 6.42 -28.40 -0.07
CA ASP A 236 7.28 -28.65 -1.21
C ASP A 236 8.72 -28.19 -0.99
N LEU A 237 8.95 -27.42 0.07
CA LEU A 237 10.26 -26.83 0.30
C LEU A 237 11.37 -27.86 0.57
N PRO A 238 11.08 -28.91 1.34
CA PRO A 238 12.14 -29.92 1.58
C PRO A 238 12.63 -30.49 0.27
N ARG A 239 11.71 -30.86 -0.60
CA ARG A 239 12.06 -31.39 -1.91
C ARG A 239 12.83 -30.35 -2.73
N LEU A 240 12.46 -29.08 -2.61
CA LEU A 240 13.14 -28.02 -3.33
C LEU A 240 14.60 -27.90 -2.90
N VAL A 241 14.85 -27.92 -1.59
CA VAL A 241 16.22 -27.78 -1.09
C VAL A 241 17.09 -28.98 -1.52
N ARG A 242 16.49 -30.17 -1.55
CA ARG A 242 17.20 -31.37 -2.00
C ARG A 242 17.58 -31.29 -3.48
N GLY A 243 16.57 -31.26 -4.36
CA GLY A 243 16.83 -31.16 -5.79
C GLY A 243 17.56 -29.89 -6.17
N MET A 244 17.75 -29.02 -5.19
CA MET A 244 18.44 -27.74 -5.37
C MET A 244 19.95 -27.94 -5.21
N ALA A 245 20.36 -28.31 -4.00
CA ALA A 245 21.77 -28.53 -3.68
C ALA A 245 22.51 -29.21 -4.83
N MET B 1 3.34 33.34 9.92
CA MET B 1 2.17 33.55 9.01
C MET B 1 2.25 32.63 7.79
N ILE B 2 1.10 32.25 7.25
CA ILE B 2 1.05 31.45 6.03
C ILE B 2 1.51 32.30 4.85
N LYS B 3 2.61 31.88 4.24
CA LYS B 3 3.17 32.57 3.09
C LYS B 3 3.01 31.77 1.79
N ALA B 4 2.70 30.48 1.93
CA ALA B 4 2.58 29.62 0.76
C ALA B 4 1.53 28.52 0.94
N VAL B 5 0.78 28.24 -0.13
CA VAL B 5 -0.13 27.11 -0.14
C VAL B 5 0.45 26.08 -1.10
N VAL B 6 0.80 24.91 -0.57
CA VAL B 6 1.45 23.86 -1.36
C VAL B 6 0.49 22.70 -1.58
N PHE B 7 0.30 22.34 -2.85
CA PHE B 7 -0.68 21.35 -3.20
C PHE B 7 -0.09 20.00 -3.60
N ASB B 8 -0.70 18.96 -3.06
CA ASB B 8 -0.52 17.60 -3.56
C ASB B 8 -1.17 17.60 -4.98
O ASB B 8 -2.09 18.37 -5.23
CB ASB B 8 -1.26 16.65 -2.62
CG ASB B 8 -1.39 15.31 -3.12
OD1 ASB B 8 -0.30 14.76 -3.54
OD2 ASB B 8 -2.33 14.54 -3.24
C2 ASB B 8 0.00 13.42 -4.10
C1 ASB B 8 1.18 13.67 -5.03
O1 ASB B 8 0.90 14.11 -6.18
O2 ASB B 8 2.32 13.42 -4.57
N ALA B 9 -0.66 16.76 -5.88
CA ALA B 9 -1.20 16.72 -7.24
C ALA B 9 -2.24 15.61 -7.47
N TYR B 10 -1.78 14.36 -7.53
CA TYR B 10 -2.64 13.23 -7.87
C TYR B 10 -3.70 12.96 -6.81
N GLY B 11 -4.96 13.17 -7.19
CA GLY B 11 -6.06 12.96 -6.26
C GLY B 11 -6.53 14.24 -5.60
N THR B 12 -5.68 15.27 -5.59
CA THR B 12 -6.03 16.52 -4.93
C THR B 12 -6.44 17.61 -5.94
N LEU B 13 -5.53 17.93 -6.84
CA LEU B 13 -5.83 18.88 -7.92
C LEU B 13 -6.34 18.15 -9.17
N PHE B 14 -5.91 16.90 -9.33
CA PHE B 14 -6.25 16.12 -10.51
C PHE B 14 -6.98 14.80 -10.18
N ASP B 15 -7.99 14.49 -10.99
CA ASP B 15 -8.85 13.34 -10.75
C ASP B 15 -8.24 12.06 -11.34
N VAL B 16 -7.78 11.15 -10.48
CA VAL B 16 -7.13 9.93 -10.96
C VAL B 16 -8.12 8.96 -11.58
N GLN B 17 -9.41 9.25 -11.44
CA GLN B 17 -10.44 8.40 -12.02
C GLN B 17 -10.65 8.72 -13.50
N SER B 18 -10.11 9.85 -13.94
CA SER B 18 -10.35 10.32 -15.30
C SER B 18 -9.56 9.56 -16.37
N VAL B 19 -8.83 8.53 -15.96
CA VAL B 19 -8.15 7.66 -16.92
C VAL B 19 -9.15 6.58 -17.36
N ALA B 20 -10.36 6.67 -16.83
CA ALA B 20 -11.39 5.65 -17.04
C ALA B 20 -11.68 5.36 -18.51
N ASP B 21 -11.99 6.39 -19.29
CA ASP B 21 -12.33 6.17 -20.68
C ASP B 21 -11.20 5.54 -21.47
N ALA B 22 -9.97 5.94 -21.17
CA ALA B 22 -8.79 5.39 -21.85
C ALA B 22 -8.54 3.91 -21.50
N THR B 23 -8.65 3.56 -20.21
CA THR B 23 -8.46 2.18 -19.76
C THR B 23 -9.60 1.28 -20.23
N GLU B 24 -10.79 1.86 -20.32
N GLU B 24 -10.80 1.83 -20.34
CA GLU B 24 -11.99 1.14 -20.77
CA GLU B 24 -11.95 1.07 -20.80
C GLU B 24 -11.94 0.92 -22.27
C GLU B 24 -11.67 0.48 -22.19
N ARG B 25 -11.69 2.00 -23.03
N ARG B 25 -10.47 0.75 -22.70
CA ARG B 25 -11.55 1.90 -24.48
CA ARG B 25 -10.03 0.23 -24.00
C ARG B 25 -10.44 0.94 -24.85
C ARG B 25 -9.06 -0.94 -23.81
N ALA B 26 -9.33 1.01 -24.12
N ALA B 26 -8.16 -0.80 -22.84
CA ALA B 26 -8.22 0.10 -24.34
CA ALA B 26 -7.19 -1.86 -22.54
C ALA B 26 -8.65 -1.33 -24.07
C ALA B 26 -7.89 -3.18 -22.29
N TYR B 27 -9.41 -1.54 -23.01
N TYR B 27 -9.05 -3.11 -21.64
CA TYR B 27 -9.91 -2.88 -22.66
CA TYR B 27 -9.83 -4.31 -21.36
C TYR B 27 -11.35 -2.84 -22.18
C TYR B 27 -11.31 -3.93 -21.24
N PRO B 28 -12.31 -2.97 -23.11
N PRO B 28 -12.06 -4.07 -22.34
CA PRO B 28 -13.74 -2.96 -22.80
CA PRO B 28 -13.49 -3.74 -22.33
C PRO B 28 -14.11 -3.90 -21.65
C PRO B 28 -14.23 -4.39 -21.17
N GLY B 29 -14.96 -3.41 -20.75
N GLY B 29 -15.00 -3.61 -20.43
CA GLY B 29 -15.43 -4.22 -19.63
CA GLY B 29 -15.73 -4.13 -19.29
C GLY B 29 -14.53 -4.24 -18.41
C GLY B 29 -14.97 -4.06 -17.98
N ARG B 30 -13.33 -3.67 -18.52
N ARG B 30 -13.68 -3.73 -18.05
CA ARG B 30 -12.35 -3.76 -17.45
CA ARG B 30 -12.85 -3.68 -16.86
C ARG B 30 -11.85 -2.40 -16.97
C ARG B 30 -12.12 -2.35 -16.66
N GLY B 31 -12.43 -1.33 -17.49
N GLY B 31 -12.63 -1.31 -17.30
CA GLY B 31 -11.97 0.00 -17.15
CA GLY B 31 -12.01 0.00 -17.15
C GLY B 31 -11.99 0.37 -15.67
C GLY B 31 -12.04 0.49 -15.72
N GLU B 32 -13.14 0.23 -15.02
CA GLU B 32 -13.26 0.62 -13.62
C GLU B 32 -12.25 -0.13 -12.76
N TYR B 33 -12.13 -1.43 -13.01
CA TYR B 33 -11.19 -2.27 -12.27
C TYR B 33 -9.76 -1.77 -12.44
N ILE B 34 -9.35 -1.57 -13.69
CA ILE B 34 -7.99 -1.16 -13.99
C ILE B 34 -7.69 0.19 -13.33
N THR B 35 -8.62 1.13 -13.44
CA THR B 35 -8.43 2.46 -12.85
C THR B 35 -8.10 2.36 -11.36
N GLN B 36 -8.82 1.54 -10.62
CA GLN B 36 -8.63 1.43 -9.18
C GLN B 36 -7.31 0.76 -8.81
N VAL B 37 -7.06 -0.42 -9.37
CA VAL B 37 -5.86 -1.17 -9.05
C VAL B 37 -4.60 -0.46 -9.52
N TRP B 38 -4.71 0.23 -10.65
CA TRP B 38 -3.58 0.98 -11.19
C TRP B 38 -3.12 2.01 -10.17
N ARG B 39 -4.07 2.78 -9.65
CA ARG B 39 -3.75 3.82 -8.67
C ARG B 39 -3.24 3.20 -7.36
N GLN B 40 -3.91 2.16 -6.88
CA GLN B 40 -3.51 1.48 -5.65
C GLN B 40 -2.06 0.95 -5.75
N LYS B 41 -1.74 0.27 -6.84
CA LYS B 41 -0.39 -0.29 -6.99
C LYS B 41 0.66 0.77 -7.29
N GLN B 42 0.24 1.85 -7.93
CA GLN B 42 1.14 2.98 -8.19
C GLN B 42 1.63 3.53 -6.85
N LEU B 43 0.70 3.75 -5.93
CA LEU B 43 1.04 4.20 -4.57
C LEU B 43 1.90 3.18 -3.84
N GLU B 44 1.47 1.92 -3.83
CA GLU B 44 2.23 0.88 -3.14
C GLU B 44 3.67 0.80 -3.63
N TYR B 45 3.86 0.92 -4.95
CA TYR B 45 5.18 0.80 -5.53
C TYR B 45 6.07 2.00 -5.21
N SER B 46 5.47 3.18 -5.11
CA SER B 46 6.24 4.35 -4.68
C SER B 46 6.75 4.13 -3.25
N TRP B 47 5.89 3.62 -2.37
CA TRP B 47 6.27 3.36 -0.98
C TRP B 47 7.32 2.26 -0.86
N LEU B 48 7.10 1.16 -1.57
CA LEU B 48 7.95 -0.01 -1.45
C LEU B 48 9.33 0.19 -2.08
N ARG B 49 9.38 0.85 -3.24
CA ARG B 49 10.66 1.17 -3.86
C ARG B 49 11.48 2.08 -2.95
N ALA B 50 10.83 3.10 -2.38
CA ALA B 50 11.52 4.03 -1.50
C ALA B 50 12.02 3.30 -0.25
N LEU B 51 11.15 2.50 0.35
CA LEU B 51 11.50 1.81 1.60
C LEU B 51 12.60 0.79 1.38
N MET B 52 12.67 0.20 0.18
CA MET B 52 13.75 -0.72 -0.16
C MET B 52 15.07 -0.02 -0.46
N GLY B 53 15.01 1.29 -0.69
CA GLY B 53 16.19 2.01 -1.12
C GLY B 53 16.49 1.74 -2.58
N ARG B 54 15.44 1.47 -3.35
CA ARG B 54 15.57 1.22 -4.78
C ARG B 54 14.63 2.18 -5.54
N TYR B 55 14.94 3.47 -5.50
CA TYR B 55 14.13 4.48 -6.16
C TYR B 55 14.14 4.34 -7.69
N ALA B 56 12.99 4.65 -8.29
CA ALA B 56 12.88 4.89 -9.73
C ALA B 56 11.80 5.96 -9.81
N ASP B 57 11.84 6.84 -10.81
CA ASP B 57 10.89 7.95 -10.77
C ASP B 57 9.46 7.50 -10.98
N PHE B 58 8.51 8.42 -10.81
CA PHE B 58 7.10 8.07 -10.84
C PHE B 58 6.66 7.56 -12.21
N TRP B 59 7.41 7.88 -13.26
CA TRP B 59 7.04 7.41 -14.59
C TRP B 59 7.30 5.92 -14.70
N SER B 60 8.43 5.49 -14.14
CA SER B 60 8.71 4.06 -14.08
C SER B 60 7.68 3.39 -13.16
N VAL B 61 7.42 3.99 -12.00
CA VAL B 61 6.43 3.48 -11.06
C VAL B 61 5.04 3.35 -11.70
N THR B 62 4.62 4.39 -12.42
CA THR B 62 3.31 4.37 -13.07
C THR B 62 3.19 3.24 -14.09
N ARG B 63 4.26 3.01 -14.85
CA ARG B 63 4.24 1.96 -15.86
C ARG B 63 4.36 0.57 -15.26
N GLU B 64 5.12 0.44 -14.18
CA GLU B 64 5.22 -0.84 -13.50
C GLU B 64 3.87 -1.22 -12.88
N ALA B 65 3.18 -0.23 -12.32
CA ALA B 65 1.88 -0.48 -11.69
C ALA B 65 0.84 -0.87 -12.74
N LEU B 66 0.89 -0.22 -13.89
CA LEU B 66 -0.01 -0.56 -14.99
C LEU B 66 0.24 -2.00 -15.47
N ALA B 67 1.52 -2.35 -15.63
CA ALA B 67 1.89 -3.70 -16.07
C ALA B 67 1.35 -4.75 -15.10
N TYR B 68 1.46 -4.47 -13.81
CA TYR B 68 0.93 -5.36 -12.78
C TYR B 68 -0.58 -5.51 -12.93
N THR B 69 -1.27 -4.37 -13.04
CA THR B 69 -2.73 -4.34 -13.13
C THR B 69 -3.23 -5.13 -14.33
N LEU B 70 -2.68 -4.83 -15.52
CA LEU B 70 -3.09 -5.56 -16.72
C LEU B 70 -2.71 -7.03 -16.61
N GLY B 71 -1.63 -7.31 -15.90
CA GLY B 71 -1.19 -8.67 -15.68
C GLY B 71 -2.19 -9.50 -14.90
N THR B 72 -2.86 -8.90 -13.93
CA THR B 72 -3.84 -9.65 -13.14
C THR B 72 -4.95 -10.16 -14.04
N LEU B 73 -5.18 -9.44 -15.14
CA LEU B 73 -6.23 -9.79 -16.11
C LEU B 73 -5.71 -10.78 -17.16
N GLY B 74 -4.44 -11.16 -17.05
CA GLY B 74 -3.86 -12.10 -18.00
C GLY B 74 -3.26 -11.45 -19.22
N LEU B 75 -3.11 -10.13 -19.20
CA LEU B 75 -2.58 -9.39 -20.34
C LEU B 75 -1.07 -9.19 -20.19
N GLU B 76 -0.36 -9.17 -21.31
CA GLU B 76 1.08 -8.99 -21.31
C GLU B 76 1.53 -8.02 -22.40
N PRO B 77 1.09 -6.75 -22.33
CA PRO B 77 1.44 -5.73 -23.32
C PRO B 77 2.91 -5.31 -23.25
N ASP B 78 3.51 -4.98 -24.40
CA ASP B 78 4.92 -4.62 -24.41
C ASP B 78 5.16 -3.23 -23.82
N GLU B 79 6.43 -2.86 -23.71
CA GLU B 79 6.80 -1.58 -23.11
C GLU B 79 6.25 -0.39 -23.89
N SER B 80 6.21 -0.52 -25.21
CA SER B 80 5.68 0.54 -26.05
C SER B 80 4.22 0.81 -25.71
N PHE B 81 3.44 -0.26 -25.54
CA PHE B 81 2.04 -0.15 -25.21
C PHE B 81 1.85 0.47 -23.83
N LEU B 82 2.66 0.03 -22.87
CA LEU B 82 2.61 0.56 -21.51
C LEU B 82 2.92 2.05 -21.45
N ALA B 83 3.96 2.47 -22.15
CA ALA B 83 4.35 3.87 -22.18
C ALA B 83 3.25 4.75 -22.80
N ASP B 84 2.62 4.25 -23.86
CA ASP B 84 1.55 4.99 -24.51
C ASP B 84 0.32 5.13 -23.63
N MET B 85 -0.10 4.02 -23.03
CA MET B 85 -1.29 4.03 -22.20
C MET B 85 -1.05 4.83 -20.93
N ALA B 86 0.15 4.72 -20.37
CA ALA B 86 0.50 5.41 -19.13
C ALA B 86 0.40 6.92 -19.28
N GLN B 87 0.49 7.42 -20.51
CA GLN B 87 0.35 8.85 -20.78
C GLN B 87 -0.98 9.39 -20.25
N ALA B 88 -1.94 8.50 -20.03
CA ALA B 88 -3.23 8.93 -19.50
C ALA B 88 -3.02 9.67 -18.19
N TYR B 89 -2.00 9.28 -17.43
CA TYR B 89 -1.74 9.93 -16.14
C TYR B 89 -1.20 11.34 -16.27
N ASN B 90 -0.75 11.70 -17.48
CA ASN B 90 -0.28 13.06 -17.75
C ASN B 90 -1.40 13.93 -18.34
N ARG B 91 -2.62 13.42 -18.32
CA ARG B 91 -3.76 14.13 -18.89
C ARG B 91 -4.98 14.10 -17.98
N LEU B 92 -4.78 13.81 -16.70
CA LEU B 92 -5.88 13.76 -15.74
C LEU B 92 -6.63 15.09 -15.73
N THR B 93 -7.95 15.02 -15.74
CA THR B 93 -8.75 16.23 -15.70
C THR B 93 -8.62 16.90 -14.34
N PRO B 94 -8.43 18.22 -14.30
CA PRO B 94 -8.35 18.89 -13.01
C PRO B 94 -9.74 18.93 -12.40
N TYR B 95 -9.85 18.97 -11.08
CA TYR B 95 -11.16 19.14 -10.49
C TYR B 95 -11.72 20.49 -10.92
N PRO B 96 -13.04 20.55 -11.22
CA PRO B 96 -13.74 21.73 -11.71
C PRO B 96 -13.42 23.07 -11.02
N ASP B 97 -13.18 23.03 -9.72
CA ASP B 97 -12.97 24.26 -8.97
C ASP B 97 -11.51 24.55 -8.61
N ALA B 98 -10.58 23.81 -9.20
CA ALA B 98 -9.17 24.02 -8.94
C ALA B 98 -8.71 25.40 -9.44
N ALA B 99 -9.09 25.74 -10.66
CA ALA B 99 -8.66 26.98 -11.28
C ALA B 99 -9.10 28.20 -10.46
N GLN B 100 -10.36 28.21 -10.05
CA GLN B 100 -10.88 29.32 -9.29
C GLN B 100 -10.19 29.42 -7.92
N CYS B 101 -10.02 28.27 -7.27
CA CYS B 101 -9.32 28.21 -5.99
C CYS B 101 -7.93 28.85 -6.07
N LEU B 102 -7.12 28.38 -7.02
CA LEU B 102 -5.76 28.88 -7.18
C LEU B 102 -5.75 30.38 -7.49
N ALA B 103 -6.73 30.82 -8.26
CA ALA B 103 -6.84 32.24 -8.61
C ALA B 103 -7.02 33.09 -7.35
N GLU B 104 -7.93 32.69 -6.46
CA GLU B 104 -8.21 33.47 -5.25
C GLU B 104 -7.10 33.36 -4.21
N LEU B 105 -6.08 32.56 -4.51
CA LEU B 105 -4.92 32.39 -3.63
C LEU B 105 -3.70 33.10 -4.22
N ALA B 106 -3.93 33.86 -5.29
CA ALA B 106 -2.85 34.53 -6.02
C ALA B 106 -1.93 35.39 -5.15
N PRO B 107 -2.47 35.99 -4.07
CA PRO B 107 -1.61 36.80 -3.20
C PRO B 107 -0.46 35.97 -2.60
N LEU B 108 -0.79 34.76 -2.14
CA LEU B 108 0.18 33.85 -1.55
C LEU B 108 0.97 33.10 -2.61
N LYS B 109 2.14 32.59 -2.24
CA LYS B 109 2.87 31.70 -3.13
C LYS B 109 2.08 30.41 -3.29
N ARG B 110 1.98 29.95 -4.53
CA ARG B 110 1.23 28.75 -4.85
C ARG B 110 2.16 27.74 -5.48
N ALA B 111 2.16 26.52 -4.95
CA ALA B 111 3.06 25.49 -5.46
C ALA B 111 2.43 24.11 -5.42
N ILE B 112 3.05 23.20 -6.17
CA ILE B 112 2.72 21.78 -6.10
C ILE B 112 3.93 21.04 -5.55
N LEU B 113 3.68 20.09 -4.66
CA LEU B 113 4.70 19.11 -4.26
C LEU B 113 4.11 17.74 -4.58
N SER B 114 4.77 16.99 -5.46
CA SER B 114 4.22 15.73 -5.92
C SER B 114 5.23 14.60 -6.14
N ASN B 115 4.76 13.37 -5.98
CA ASN B 115 5.53 12.18 -6.32
C ASN B 115 5.84 12.16 -7.81
N GLY B 116 5.01 12.84 -8.59
CA GLY B 116 5.16 12.86 -10.04
C GLY B 116 6.53 13.26 -10.50
N ALA B 117 7.03 12.58 -11.54
CA ALA B 117 8.32 12.90 -12.13
C ALA B 117 8.23 14.25 -12.82
N PRO B 118 9.35 14.96 -12.96
CA PRO B 118 9.41 16.28 -13.59
C PRO B 118 8.55 16.43 -14.86
N ASP B 119 8.79 15.59 -15.87
CA ASP B 119 8.08 15.73 -17.13
C ASP B 119 6.61 15.40 -17.00
N MET B 120 6.28 14.44 -16.12
CA MET B 120 4.89 14.11 -15.86
C MET B 120 4.13 15.33 -15.35
N LEU B 121 4.69 16.00 -14.34
CA LEU B 121 4.00 17.13 -13.72
C LEU B 121 3.84 18.30 -14.68
N GLN B 122 4.87 18.55 -15.48
CA GLN B 122 4.77 19.68 -16.40
C GLN B 122 3.63 19.49 -17.38
N ALA B 123 3.51 18.29 -17.95
CA ALA B 123 2.43 17.97 -18.88
C ALA B 123 1.07 18.00 -18.17
N LEU B 124 1.01 17.38 -17.01
CA LEU B 124 -0.22 17.31 -16.23
C LEU B 124 -0.78 18.71 -15.97
N VAL B 125 0.08 19.60 -15.49
CA VAL B 125 -0.31 20.98 -15.19
C VAL B 125 -0.61 21.79 -16.46
N ALA B 126 0.22 21.63 -17.48
CA ALA B 126 0.04 22.34 -18.74
C ALA B 126 -1.25 21.91 -19.43
N ASN B 127 -1.48 20.59 -19.52
CA ASN B 127 -2.68 20.10 -20.17
C ASN B 127 -3.94 20.54 -19.42
N ALA B 128 -3.81 20.79 -18.12
CA ALA B 128 -4.93 21.22 -17.30
C ALA B 128 -5.12 22.72 -17.37
N GLY B 129 -4.19 23.40 -18.04
CA GLY B 129 -4.29 24.84 -18.20
C GLY B 129 -4.02 25.60 -16.91
N LEU B 130 -3.24 25.00 -16.02
CA LEU B 130 -2.97 25.58 -14.71
C LEU B 130 -1.52 25.98 -14.52
N THR B 131 -0.75 25.99 -15.61
CA THR B 131 0.67 26.34 -15.52
C THR B 131 0.91 27.74 -14.94
N ASP B 132 0.04 28.69 -15.28
CA ASP B 132 0.21 30.06 -14.80
C ASP B 132 -0.35 30.25 -13.39
N SER B 133 -0.77 29.16 -12.76
CA SER B 133 -1.36 29.24 -11.43
C SER B 133 -0.36 28.88 -10.31
N PHE B 134 0.85 28.52 -10.69
CA PHE B 134 1.85 28.06 -9.72
C PHE B 134 3.19 28.78 -9.85
N ASP B 135 3.79 29.13 -8.71
CA ASP B 135 5.11 29.75 -8.69
C ASP B 135 6.18 28.67 -8.77
N ALA B 136 5.83 27.45 -8.36
CA ALA B 136 6.74 26.32 -8.46
C ALA B 136 5.95 25.02 -8.55
N VAL B 137 6.42 24.10 -9.38
CA VAL B 137 5.87 22.76 -9.43
C VAL B 137 7.00 21.82 -9.08
N ILE B 138 6.95 21.29 -7.87
CA ILE B 138 8.07 20.54 -7.28
C ILE B 138 7.87 19.03 -7.31
N SER B 139 8.85 18.32 -7.86
CA SER B 139 8.86 16.87 -7.91
C SER B 139 9.79 16.33 -6.84
N VAL B 140 9.45 15.16 -6.28
CA VAL B 140 10.28 14.53 -5.27
C VAL B 140 11.55 13.97 -5.90
N ASP B 141 11.56 13.91 -7.23
CA ASP B 141 12.63 13.21 -7.94
C ASP B 141 14.03 13.63 -7.52
N ALA B 142 14.24 14.92 -7.26
CA ALA B 142 15.56 15.40 -6.86
C ALA B 142 16.08 14.68 -5.61
N LYS B 143 15.18 14.35 -4.68
CA LYS B 143 15.56 13.68 -3.44
C LYS B 143 15.66 12.15 -3.60
N ARG B 144 15.15 11.63 -4.72
CA ARG B 144 15.12 10.20 -4.98
C ARG B 144 14.48 9.42 -3.83
N VAL B 145 13.36 9.95 -3.33
CA VAL B 145 12.50 9.27 -2.37
C VAL B 145 11.06 9.54 -2.80
N PHE B 146 10.10 8.86 -2.18
CA PHE B 146 8.69 9.17 -2.40
C PHE B 146 8.03 9.53 -1.08
N LYS B 147 6.90 10.24 -1.15
CA LYS B 147 6.12 10.51 0.05
C LYS B 147 5.79 9.19 0.73
N PRO B 148 5.66 9.17 2.06
CA PRO B 148 5.76 10.30 3.00
C PRO B 148 7.14 10.51 3.61
N HIS B 149 8.18 10.05 2.92
CA HIS B 149 9.55 10.25 3.40
C HIS B 149 9.73 11.76 3.63
N PRO B 150 10.29 12.14 4.80
CA PRO B 150 10.48 13.56 5.12
C PRO B 150 11.25 14.40 4.09
N ASP B 151 12.21 13.79 3.39
CA ASP B 151 12.96 14.50 2.38
C ASP B 151 12.07 15.06 1.27
N SER B 152 10.92 14.42 1.02
CA SER B 152 10.02 14.91 -0.01
C SER B 152 9.54 16.31 0.35
N TYR B 153 9.19 16.47 1.63
CA TYR B 153 8.61 17.71 2.13
C TYR B 153 9.67 18.79 2.36
N ALA B 154 10.92 18.34 2.57
CA ALA B 154 12.06 19.24 2.75
C ALA B 154 12.26 20.10 1.50
N LEU B 155 11.86 19.59 0.35
CA LEU B 155 12.01 20.32 -0.90
C LEU B 155 11.27 21.66 -0.91
N VAL B 156 10.17 21.78 -0.18
CA VAL B 156 9.38 23.01 -0.18
C VAL B 156 10.21 24.22 0.22
N GLU B 157 10.92 24.11 1.34
CA GLU B 157 11.75 25.23 1.81
C GLU B 157 12.92 25.47 0.87
N GLU B 158 13.49 24.40 0.33
CA GLU B 158 14.61 24.51 -0.60
C GLU B 158 14.23 25.31 -1.84
N VAL B 159 13.02 25.10 -2.34
CA VAL B 159 12.56 25.75 -3.58
C VAL B 159 11.89 27.10 -3.33
N LEU B 160 11.07 27.19 -2.29
CA LEU B 160 10.30 28.41 -2.03
C LEU B 160 10.93 29.34 -0.98
N GLY B 161 11.80 28.79 -0.14
CA GLY B 161 12.44 29.60 0.88
C GLY B 161 11.56 29.91 2.08
N VAL B 162 10.42 29.25 2.18
CA VAL B 162 9.56 29.40 3.34
C VAL B 162 9.75 28.22 4.30
N THR B 163 9.62 28.49 5.59
CA THR B 163 9.77 27.45 6.61
C THR B 163 8.48 26.64 6.72
N PRO B 164 8.57 25.43 7.29
CA PRO B 164 7.36 24.61 7.45
C PRO B 164 6.22 25.37 8.11
N ALA B 165 6.57 26.28 9.02
CA ALA B 165 5.59 27.06 9.76
C ALA B 165 4.78 27.98 8.85
N GLU B 166 5.36 28.36 7.71
CA GLU B 166 4.73 29.32 6.81
C GLU B 166 4.02 28.63 5.65
N VAL B 167 3.86 27.31 5.75
CA VAL B 167 3.25 26.53 4.68
C VAL B 167 1.89 25.96 5.06
N LEU B 168 0.90 26.14 4.18
CA LEU B 168 -0.34 25.40 4.29
C LEU B 168 -0.31 24.33 3.21
N PHE B 169 -0.27 23.08 3.63
CA PHE B 169 -0.20 21.94 2.71
C PHE B 169 -1.61 21.37 2.49
N VAL B 170 -1.96 21.17 1.23
CA VAL B 170 -3.29 20.69 0.85
C VAL B 170 -3.23 19.31 0.23
N SER B 171 -3.99 18.35 0.75
CA SER B 171 -3.99 17.02 0.17
C SER B 171 -5.26 16.21 0.48
N SER B 172 -5.68 15.42 -0.51
CA SER B 172 -6.81 14.50 -0.39
C SER B 172 -6.35 13.11 0.06
N ASN B 173 -5.04 12.88 0.05
CA ASN B 173 -4.48 11.57 0.38
C ASN B 173 -4.04 11.49 1.84
N GLY B 174 -4.68 10.60 2.60
CA GLY B 174 -4.36 10.42 4.00
C GLY B 174 -2.88 10.26 4.31
N PHE B 175 -2.19 9.40 3.58
CA PHE B 175 -0.77 9.17 3.86
C PHE B 175 0.04 10.44 3.65
N ASP B 176 -0.41 11.29 2.72
CA ASP B 176 0.29 12.53 2.39
C ASP B 176 0.00 13.61 3.46
N VAL B 177 -1.24 13.63 3.94
CA VAL B 177 -1.62 14.48 5.06
C VAL B 177 -0.75 14.12 6.26
N GLY B 178 -0.57 12.82 6.49
CA GLY B 178 0.27 12.37 7.58
C GLY B 178 1.73 12.75 7.42
N GLY B 179 2.25 12.61 6.20
CA GLY B 179 3.63 12.96 5.95
C GLY B 179 3.88 14.46 6.12
N ALA B 180 2.94 15.27 5.64
CA ALA B 180 3.05 16.73 5.74
C ALA B 180 2.99 17.17 7.20
N LYS B 181 2.06 16.59 7.96
CA LYS B 181 1.93 16.91 9.38
C LYS B 181 3.19 16.51 10.16
N ASN B 182 3.68 15.29 9.93
CA ASN B 182 4.91 14.84 10.59
C ASN B 182 6.07 15.78 10.31
N PHE B 183 6.11 16.33 9.11
CA PHE B 183 7.22 17.20 8.73
C PHE B 183 7.09 18.58 9.36
N GLY B 184 5.88 18.96 9.74
CA GLY B 184 5.69 20.23 10.42
C GLY B 184 4.81 21.26 9.73
N PHE B 185 4.23 20.90 8.58
CA PHE B 185 3.34 21.83 7.87
C PHE B 185 1.98 21.91 8.55
N SER B 186 1.29 23.03 8.34
CA SER B 186 -0.15 23.09 8.63
C SER B 186 -0.81 22.37 7.46
N VAL B 187 -1.85 21.60 7.71
CA VAL B 187 -2.45 20.83 6.63
C VAL B 187 -3.96 21.03 6.52
N ALA B 188 -4.41 21.23 5.29
CA ALA B 188 -5.84 21.24 4.98
C ALA B 188 -6.11 19.98 4.16
N ARG B 189 -6.88 19.06 4.72
CA ARG B 189 -7.26 17.85 3.99
C ARG B 189 -8.52 18.10 3.16
N VAL B 190 -8.52 17.60 1.93
CA VAL B 190 -9.70 17.65 1.08
C VAL B 190 -10.42 16.31 1.14
N ALA B 191 -11.58 16.29 1.78
CA ALA B 191 -12.35 15.07 2.00
C ALA B 191 -13.61 15.07 1.14
N ARG B 192 -13.54 14.42 -0.02
CA ARG B 192 -14.65 14.44 -0.96
C ARG B 192 -15.69 13.35 -0.69
N LEU B 193 -15.33 12.36 0.12
CA LEU B 193 -16.23 11.28 0.47
C LEU B 193 -16.60 11.34 1.95
N SER B 194 -17.83 11.70 2.24
CA SER B 194 -18.30 11.79 3.62
C SER B 194 -18.21 10.43 4.31
N GLN B 195 -17.65 10.40 5.52
CA GLN B 195 -17.55 9.16 6.28
C GLN B 195 -18.87 8.42 6.38
N GLU B 196 -19.95 9.16 6.66
CA GLU B 196 -21.26 8.55 6.85
C GLU B 196 -21.80 7.92 5.56
N ALA B 197 -21.42 8.48 4.41
CA ALA B 197 -21.82 7.93 3.13
C ALA B 197 -21.08 6.63 2.85
N LEU B 198 -19.78 6.60 3.13
CA LEU B 198 -19.00 5.39 2.94
C LEU B 198 -19.55 4.26 3.82
N ALA B 199 -19.80 4.56 5.09
CA ALA B 199 -20.30 3.55 6.02
C ALA B 199 -21.57 2.90 5.48
N ARG B 200 -22.50 3.71 5.01
CA ARG B 200 -23.77 3.20 4.48
C ARG B 200 -23.58 2.42 3.17
N GLU B 201 -22.63 2.87 2.35
CA GLU B 201 -22.34 2.21 1.08
C GLU B 201 -21.76 0.81 1.34
N LEU B 202 -20.91 0.71 2.35
CA LEU B 202 -20.28 -0.57 2.71
C LEU B 202 -21.27 -1.56 3.25
N VAL B 203 -22.49 -1.12 3.53
CA VAL B 203 -23.50 -2.02 4.06
C VAL B 203 -24.77 -2.01 3.20
N SER B 204 -24.69 -1.39 2.02
CA SER B 204 -25.84 -1.29 1.13
C SER B 204 -26.03 -2.57 0.35
N GLY B 205 -25.46 -3.66 0.87
CA GLY B 205 -25.57 -4.94 0.19
C GLY B 205 -24.21 -5.36 -0.34
N THR B 206 -24.19 -6.18 -1.37
CA THR B 206 -22.94 -6.65 -1.96
C THR B 206 -21.99 -5.48 -2.21
N ILE B 207 -20.79 -5.56 -1.63
CA ILE B 207 -19.80 -4.49 -1.72
C ILE B 207 -19.12 -4.46 -3.07
N ALA B 208 -19.26 -3.35 -3.79
N ALA B 208 -19.31 -3.36 -3.79
CA ALA B 208 -18.67 -3.20 -5.11
CA ALA B 208 -18.82 -3.21 -5.15
C ALA B 208 -17.18 -2.87 -5.03
C ALA B 208 -17.33 -2.89 -5.18
N PRO B 209 -16.39 -3.36 -6.01
N PRO B 209 -16.69 -3.00 -6.36
CA PRO B 209 -14.94 -3.12 -6.09
CA PRO B 209 -15.27 -2.71 -6.54
C PRO B 209 -14.57 -1.64 -6.07
C PRO B 209 -14.83 -1.35 -6.00
N LEU B 210 -15.45 -0.79 -6.57
N LEU B 210 -15.19 -0.29 -6.71
CA LEU B 210 -15.19 0.65 -6.59
CA LEU B 210 -14.80 1.07 -6.34
C LEU B 210 -15.23 1.21 -5.17
C LEU B 210 -15.02 1.35 -4.85
N THR B 211 -16.09 0.63 -4.34
N THR B 211 -15.98 0.66 -4.25
CA THR B 211 -16.20 1.02 -2.94
CA THR B 211 -16.27 0.84 -2.84
C THR B 211 -14.97 0.53 -2.20
C THR B 211 -15.08 0.38 -1.99
N MET B 212 -14.34 -0.52 -2.73
N MET B 212 -14.49 -0.74 -2.37
CA MET B 212 -13.13 -1.06 -2.14
CA MET B 212 -13.31 -1.26 -1.69
C MET B 212 -12.03 -0.01 -2.15
C MET B 212 -12.19 -0.24 -1.70
N PHE B 213 -11.80 0.59 -3.32
N PHE B 213 -11.97 0.39 -2.85
CA PHE B 213 -10.81 1.65 -3.46
CA PHE B 213 -10.88 1.34 -3.02
C PHE B 213 -11.11 2.79 -2.50
C PHE B 213 -11.14 2.67 -2.32
N LYS B 214 -12.38 3.15 -2.41
CA LYS B 214 -12.78 4.29 -1.59
C LYS B 214 -12.42 3.99 -0.14
N ALA B 215 -12.76 2.76 0.29
CA ALA B 215 -12.53 2.34 1.66
C ALA B 215 -11.04 2.30 2.00
N LEU B 216 -10.20 2.02 1.01
CA LEU B 216 -8.77 1.95 1.25
C LEU B 216 -8.06 3.30 1.16
N ARG B 217 -8.64 4.25 0.44
CA ARG B 217 -7.89 5.44 0.01
C ARG B 217 -8.47 6.81 0.37
N MET B 218 -9.73 6.87 0.79
CA MET B 218 -10.41 8.16 0.93
C MET B 218 -10.69 8.62 2.35
N ARG B 219 -9.97 8.07 3.32
CA ARG B 219 -10.19 8.40 4.73
C ARG B 219 -8.89 8.86 5.36
N GLU B 220 -8.98 9.47 6.54
CA GLU B 220 -7.79 9.78 7.31
C GLU B 220 -7.20 8.46 7.83
N GLU B 221 -5.87 8.37 7.84
CA GLU B 221 -5.22 7.16 8.31
C GLU B 221 -5.00 7.25 9.82
N THR B 222 -5.26 6.15 10.53
CA THR B 222 -5.27 6.16 11.98
C THR B 222 -3.89 6.39 12.63
N TYR B 223 -2.82 6.08 11.91
CA TYR B 223 -1.47 6.27 12.45
C TYR B 223 -1.02 7.73 12.31
N ALA B 224 -1.73 8.47 11.46
CA ALA B 224 -1.30 9.82 11.09
C ALA B 224 -1.85 10.90 12.01
N GLU B 225 -1.11 11.99 12.12
CA GLU B 225 -1.58 13.13 12.87
C GLU B 225 -2.72 13.77 12.09
N ALA B 226 -3.75 14.20 12.80
CA ALA B 226 -4.92 14.81 12.20
C ALA B 226 -4.58 16.09 11.46
N PRO B 227 -5.29 16.37 10.36
CA PRO B 227 -5.04 17.62 9.64
C PRO B 227 -5.58 18.80 10.46
N ASP B 228 -5.04 19.99 10.23
CA ASP B 228 -5.52 21.16 10.94
C ASP B 228 -6.94 21.54 10.48
N PHE B 229 -7.21 21.35 9.20
CA PHE B 229 -8.52 21.67 8.62
C PHE B 229 -8.97 20.55 7.69
N VAL B 230 -10.29 20.41 7.54
CA VAL B 230 -10.83 19.51 6.53
C VAL B 230 -11.94 20.24 5.78
N VAL B 231 -11.79 20.34 4.44
CA VAL B 231 -12.80 20.95 3.59
C VAL B 231 -13.28 19.91 2.58
N PRO B 232 -14.52 20.06 2.08
CA PRO B 232 -15.08 19.11 1.11
C PRO B 232 -14.65 19.40 -0.33
N ALA B 233 -14.07 20.57 -0.55
CA ALA B 233 -13.71 21.00 -1.91
C ALA B 233 -12.59 22.03 -1.92
N LEU B 234 -11.83 22.05 -3.02
CA LEU B 234 -10.74 23.02 -3.21
C LEU B 234 -11.26 24.46 -3.12
N GLY B 235 -12.47 24.68 -3.63
CA GLY B 235 -13.05 26.02 -3.64
C GLY B 235 -13.21 26.63 -2.27
N ASP B 236 -13.22 25.79 -1.23
CA ASP B 236 -13.38 26.28 0.14
C ASP B 236 -12.06 26.73 0.77
N LEU B 237 -10.95 26.55 0.05
CA LEU B 237 -9.64 26.89 0.61
C LEU B 237 -9.40 28.39 0.78
N PRO B 238 -9.72 29.20 -0.25
CA PRO B 238 -9.48 30.64 -0.10
C PRO B 238 -10.14 31.20 1.14
N ARG B 239 -11.40 30.82 1.34
CA ARG B 239 -12.18 31.30 2.48
C ARG B 239 -11.60 30.78 3.80
N LEU B 240 -11.01 29.59 3.75
CA LEU B 240 -10.37 28.99 4.92
C LEU B 240 -9.12 29.78 5.31
N VAL B 241 -8.36 30.22 4.30
CA VAL B 241 -7.13 30.96 4.54
C VAL B 241 -7.40 32.39 4.98
N ARG B 242 -8.48 32.99 4.48
CA ARG B 242 -8.86 34.35 4.88
C ARG B 242 -8.98 34.43 6.40
N GLY B 243 -9.93 33.68 6.95
CA GLY B 243 -10.15 33.67 8.39
C GLY B 243 -9.38 32.55 9.07
N MET B 244 -8.07 32.53 8.84
CA MET B 244 -7.18 31.53 9.41
C MET B 244 -6.30 32.16 10.48
N ALA B 245 -5.27 32.89 10.05
CA ALA B 245 -4.33 33.52 10.97
C ALA B 245 -4.89 34.82 11.55
CL CL C . 3.50 -8.82 7.61
CL CL D . 0.75 10.25 -5.73
#